data_5BQ0
#
_entry.id   5BQ0
#
_cell.length_a   71.797
_cell.length_b   104.999
_cell.length_c   38.004
_cell.angle_alpha   90.000
_cell.angle_beta   90.000
_cell.angle_gamma   90.000
#
_symmetry.space_group_name_H-M   'P 21 21 2'
#
loop_
_entity.id
_entity.type
_entity.pdbx_description
1 polymer 'Tyrosine-protein kinase BTK'
2 non-polymer 4-(2-chlorophenyl)-7-[(4-methylpiperazin-1-yl)carbonyl]-9H-carbazole-1-carboxamide
3 non-polymer 'DIMETHYL SULFOXIDE'
4 non-polymer 1,2-ETHANEDIOL
5 water water
#
_entity_poly.entity_id   1
_entity_poly.type   'polypeptide(L)'
_entity_poly.pdbx_seq_one_letter_code
;GPLGSKNAPSTAGLGYGSWEIDPKDLTFLKELGTGQFGVVKYGKWRGQYDVAIKMIKEGSMSEDEFIEEAKVMMNLSHEK
LVQLYGVCTKQRPIFIITEYMANGCLLNYLREMRHRFQTQQLLEMCKDVCEAMEYLESKQFLHRDLAARNCLVNDQGVVK
VSDFGLSRYVLDDEYTSSVGSKFPVRWSPPEVLMYSKFSSKSDIWAFGVLMWEIYSLGKMPYERFTNSETAEHIAQGLRL
YRPHLASEKVYTIMYSCWHEKADERPTFKILLSNILDVMDEES
;
_entity_poly.pdbx_strand_id   A
#
loop_
_chem_comp.id
_chem_comp.type
_chem_comp.name
_chem_comp.formula
4US non-polymer 4-(2-chlorophenyl)-7-[(4-methylpiperazin-1-yl)carbonyl]-9H-carbazole-1-carboxamide 'C25 H23 Cl N4 O2'
DMS non-polymer 'DIMETHYL SULFOXIDE' 'C2 H6 O S'
EDO non-polymer 1,2-ETHANEDIOL 'C2 H6 O2'
#
# COMPACT_ATOMS: atom_id res chain seq x y z
N GLY A 13 2.59 -13.69 -27.35
CA GLY A 13 2.28 -14.11 -28.71
C GLY A 13 0.85 -14.57 -28.88
N LEU A 14 0.59 -15.33 -29.98
CA LEU A 14 -0.73 -15.86 -30.35
C LEU A 14 -1.43 -16.52 -29.15
N GLY A 15 -2.68 -16.15 -28.91
CA GLY A 15 -3.48 -16.70 -27.82
C GLY A 15 -3.30 -15.96 -26.51
N TYR A 16 -2.42 -14.92 -26.48
CA TYR A 16 -2.18 -14.11 -25.30
C TYR A 16 -2.38 -12.61 -25.54
N GLY A 17 -3.32 -12.02 -24.79
CA GLY A 17 -3.59 -10.59 -24.85
C GLY A 17 -2.47 -9.85 -24.15
N SER A 18 -2.40 -8.50 -24.34
CA SER A 18 -1.36 -7.67 -23.73
C SER A 18 -1.23 -7.82 -22.20
N TRP A 19 -2.37 -8.08 -21.51
CA TRP A 19 -2.43 -8.24 -20.05
C TRP A 19 -2.19 -9.71 -19.60
N GLU A 20 -2.05 -10.62 -20.59
CA GLU A 20 -1.89 -12.05 -20.33
CA GLU A 20 -1.91 -12.05 -20.36
C GLU A 20 -0.48 -12.55 -20.52
N ILE A 21 0.03 -13.24 -19.50
CA ILE A 21 1.36 -13.81 -19.51
C ILE A 21 1.18 -15.32 -19.69
N ASP A 22 2.01 -15.93 -20.53
CA ASP A 22 2.00 -17.38 -20.75
C ASP A 22 2.65 -18.03 -19.52
N PRO A 23 1.96 -18.90 -18.73
CA PRO A 23 2.62 -19.46 -17.53
C PRO A 23 3.83 -20.33 -17.85
N LYS A 24 3.95 -20.80 -19.11
CA LYS A 24 5.09 -21.61 -19.53
C LYS A 24 6.37 -20.76 -19.56
N ASP A 25 6.23 -19.41 -19.54
CA ASP A 25 7.37 -18.49 -19.52
C ASP A 25 7.95 -18.30 -18.11
N LEU A 26 7.30 -18.91 -17.10
CA LEU A 26 7.73 -18.80 -15.73
C LEU A 26 8.66 -19.95 -15.28
N THR A 27 9.63 -19.60 -14.44
CA THR A 27 10.52 -20.53 -13.75
C THR A 27 10.31 -20.19 -12.28
N PHE A 28 9.87 -21.17 -11.48
CA PHE A 28 9.62 -20.99 -10.04
C PHE A 28 10.92 -21.28 -9.26
N LEU A 29 11.39 -20.33 -8.44
CA LEU A 29 12.66 -20.50 -7.74
C LEU A 29 12.54 -20.66 -6.22
N LYS A 30 11.65 -19.90 -5.57
CA LYS A 30 11.50 -20.01 -4.11
C LYS A 30 10.15 -19.53 -3.60
N GLU A 31 9.71 -20.06 -2.45
CA GLU A 31 8.47 -19.61 -1.83
C GLU A 31 8.79 -18.40 -0.96
N LEU A 32 8.00 -17.33 -1.13
CA LEU A 32 8.17 -16.08 -0.38
C LEU A 32 7.30 -16.03 0.89
N GLY A 33 6.14 -16.66 0.82
CA GLY A 33 5.19 -16.74 1.91
C GLY A 33 3.76 -16.91 1.44
N THR A 34 2.82 -16.79 2.36
CA THR A 34 1.40 -16.93 2.04
C THR A 34 0.65 -15.68 2.43
N GLY A 35 -0.06 -15.11 1.47
CA GLY A 35 -0.89 -13.94 1.65
C GLY A 35 -2.33 -14.35 1.84
N GLN A 36 -3.24 -13.37 1.83
CA GLN A 36 -4.68 -13.63 1.99
C GLN A 36 -5.24 -14.44 0.82
N PHE A 37 -4.63 -14.29 -0.37
CA PHE A 37 -5.07 -14.99 -1.58
C PHE A 37 -4.37 -16.32 -1.76
N GLY A 38 -3.26 -16.53 -1.04
CA GLY A 38 -2.52 -17.76 -1.15
C GLY A 38 -1.03 -17.54 -1.26
N VAL A 39 -0.35 -18.59 -1.73
CA VAL A 39 1.12 -18.66 -1.88
C VAL A 39 1.66 -17.62 -2.87
N VAL A 40 2.80 -17.03 -2.49
CA VAL A 40 3.55 -16.09 -3.32
C VAL A 40 4.90 -16.70 -3.57
N LYS A 41 5.33 -16.73 -4.85
CA LYS A 41 6.62 -17.32 -5.19
C LYS A 41 7.50 -16.33 -5.93
N TYR A 42 8.80 -16.49 -5.77
CA TYR A 42 9.79 -15.72 -6.52
C TYR A 42 10.15 -16.60 -7.72
N GLY A 43 10.30 -15.98 -8.89
CA GLY A 43 10.69 -16.73 -10.07
C GLY A 43 11.28 -15.85 -11.15
N LYS A 44 11.45 -16.41 -12.35
CA LYS A 44 11.99 -15.70 -13.50
C LYS A 44 11.05 -15.83 -14.66
N TRP A 45 10.91 -14.74 -15.41
CA TRP A 45 10.09 -14.71 -16.64
C TRP A 45 11.06 -14.80 -17.82
N ARG A 46 10.85 -15.77 -18.72
CA ARG A 46 11.71 -16.02 -19.89
C ARG A 46 13.20 -16.10 -19.51
N GLY A 47 13.45 -16.88 -18.45
CA GLY A 47 14.78 -17.19 -17.91
C GLY A 47 15.59 -16.08 -17.27
N GLN A 48 15.24 -14.82 -17.45
CA GLN A 48 16.15 -13.84 -16.84
C GLN A 48 15.49 -12.71 -16.05
N TYR A 49 14.17 -12.47 -16.18
CA TYR A 49 13.59 -11.33 -15.48
C TYR A 49 12.90 -11.70 -14.16
N ASP A 50 13.36 -11.10 -13.04
CA ASP A 50 12.79 -11.36 -11.74
C ASP A 50 11.32 -11.01 -11.67
N VAL A 51 10.52 -11.91 -11.10
CA VAL A 51 9.08 -11.66 -10.91
C VAL A 51 8.62 -12.27 -9.58
N ALA A 52 7.49 -11.77 -9.07
CA ALA A 52 6.78 -12.38 -7.95
C ALA A 52 5.53 -12.95 -8.64
N ILE A 53 5.20 -14.17 -8.27
CA ILE A 53 4.05 -14.89 -8.84
C ILE A 53 3.07 -15.10 -7.70
N LYS A 54 1.94 -14.38 -7.76
CA LYS A 54 0.91 -14.48 -6.73
C LYS A 54 -0.19 -15.48 -7.18
N MET A 55 -0.31 -16.60 -6.47
CA MET A 55 -1.32 -17.61 -6.77
CA MET A 55 -1.33 -17.63 -6.74
C MET A 55 -2.61 -17.22 -6.06
N ILE A 56 -3.70 -17.06 -6.81
CA ILE A 56 -4.97 -16.60 -6.26
C ILE A 56 -5.89 -17.77 -5.95
N LYS A 57 -6.14 -18.06 -4.67
CA LYS A 57 -7.01 -19.16 -4.25
C LYS A 57 -8.39 -18.99 -4.81
N GLU A 58 -8.98 -20.11 -5.28
CA GLU A 58 -10.33 -20.14 -5.83
C GLU A 58 -11.32 -19.63 -4.79
N GLY A 59 -12.23 -18.77 -5.22
CA GLY A 59 -13.28 -18.18 -4.39
C GLY A 59 -12.87 -16.97 -3.56
N SER A 60 -11.61 -16.54 -3.66
CA SER A 60 -11.12 -15.41 -2.87
C SER A 60 -11.22 -14.06 -3.59
N MET A 61 -11.39 -14.10 -4.92
CA MET A 61 -11.41 -12.88 -5.73
C MET A 61 -12.49 -12.88 -6.80
N SER A 62 -13.06 -11.67 -7.07
CA SER A 62 -13.98 -11.43 -8.15
C SER A 62 -13.06 -11.36 -9.40
N GLU A 63 -12.75 -12.55 -9.96
CA GLU A 63 -11.76 -12.73 -11.01
C GLU A 63 -12.04 -12.00 -12.32
N ASP A 64 -13.26 -12.09 -12.85
CA ASP A 64 -13.59 -11.40 -14.12
C ASP A 64 -13.47 -9.88 -13.96
N GLU A 65 -13.96 -9.33 -12.84
CA GLU A 65 -13.83 -7.88 -12.59
C GLU A 65 -12.38 -7.52 -12.43
N PHE A 66 -11.58 -8.35 -11.71
CA PHE A 66 -10.16 -8.06 -11.56
C PHE A 66 -9.43 -8.06 -12.90
N ILE A 67 -9.67 -9.08 -13.76
CA ILE A 67 -9.04 -9.19 -15.10
C ILE A 67 -9.30 -7.93 -15.93
N GLU A 68 -10.57 -7.44 -15.95
CA GLU A 68 -10.88 -6.23 -16.67
C GLU A 68 -10.12 -5.03 -16.07
N GLU A 69 -10.04 -4.94 -14.73
CA GLU A 69 -9.28 -3.85 -14.09
C GLU A 69 -7.77 -3.97 -14.32
N ALA A 70 -7.25 -5.21 -14.41
CA ALA A 70 -5.81 -5.47 -14.66
C ALA A 70 -5.30 -4.68 -15.88
N LYS A 71 -6.15 -4.53 -16.90
CA LYS A 71 -5.82 -3.77 -18.11
C LYS A 71 -5.48 -2.32 -17.79
N VAL A 72 -6.26 -1.69 -16.89
CA VAL A 72 -6.08 -0.32 -16.40
C VAL A 72 -4.84 -0.26 -15.50
N MET A 73 -4.69 -1.24 -14.59
CA MET A 73 -3.59 -1.28 -13.63
C MET A 73 -2.22 -1.39 -14.28
N MET A 74 -2.18 -2.07 -15.43
CA MET A 74 -0.90 -2.22 -16.15
C MET A 74 -0.43 -0.89 -16.73
N ASN A 75 -1.36 0.04 -16.98
CA ASN A 75 -1.06 1.40 -17.48
C ASN A 75 -0.55 2.33 -16.37
N LEU A 76 -0.73 1.95 -15.08
CA LEU A 76 -0.26 2.73 -13.94
C LEU A 76 1.17 2.36 -13.68
N SER A 77 2.08 3.14 -14.25
CA SER A 77 3.49 2.89 -14.13
C SER A 77 4.10 4.11 -13.49
N HIS A 78 4.67 3.88 -12.34
CA HIS A 78 5.40 4.87 -11.57
C HIS A 78 6.45 4.04 -10.85
N GLU A 79 7.67 4.61 -10.73
CA GLU A 79 8.80 3.93 -10.12
C GLU A 79 8.55 3.56 -8.64
N LYS A 80 7.54 4.20 -8.00
CA LYS A 80 7.23 3.91 -6.60
C LYS A 80 5.96 3.07 -6.42
N LEU A 81 5.42 2.52 -7.54
CA LEU A 81 4.29 1.60 -7.52
C LEU A 81 4.82 0.21 -7.88
N VAL A 82 4.39 -0.82 -7.12
CA VAL A 82 4.76 -2.20 -7.44
C VAL A 82 4.08 -2.55 -8.77
N GLN A 83 4.88 -2.70 -9.82
CA GLN A 83 4.32 -2.90 -11.16
C GLN A 83 3.58 -4.23 -11.35
N LEU A 84 2.43 -4.16 -12.04
CA LEU A 84 1.70 -5.35 -12.44
C LEU A 84 2.24 -5.69 -13.85
N TYR A 85 2.80 -6.91 -14.04
CA TYR A 85 3.33 -7.32 -15.34
C TYR A 85 2.29 -8.05 -16.20
N GLY A 86 1.32 -8.71 -15.55
CA GLY A 86 0.29 -9.45 -16.26
C GLY A 86 -0.36 -10.50 -15.39
N VAL A 87 -1.29 -11.25 -15.99
CA VAL A 87 -2.08 -12.27 -15.29
C VAL A 87 -2.08 -13.58 -16.11
N CYS A 88 -2.13 -14.73 -15.44
CA CYS A 88 -2.24 -16.02 -16.11
C CYS A 88 -3.63 -16.48 -15.75
N THR A 89 -4.58 -16.33 -16.68
CA THR A 89 -5.99 -16.55 -16.44
C THR A 89 -6.59 -17.83 -17.05
N LYS A 90 -5.80 -18.60 -17.81
CA LYS A 90 -6.36 -19.80 -18.47
C LYS A 90 -6.49 -21.04 -17.56
N GLN A 91 -5.99 -20.99 -16.31
CA GLN A 91 -6.00 -22.12 -15.38
C GLN A 91 -6.53 -21.78 -13.97
N ARG A 92 -6.69 -22.84 -13.14
CA ARG A 92 -7.11 -22.77 -11.76
C ARG A 92 -5.96 -23.29 -10.88
N PRO A 93 -5.37 -22.46 -9.98
CA PRO A 93 -5.71 -21.06 -9.69
C PRO A 93 -5.08 -20.09 -10.68
N ILE A 94 -5.65 -18.87 -10.79
CA ILE A 94 -5.06 -17.86 -11.66
C ILE A 94 -3.80 -17.28 -10.98
N PHE A 95 -2.87 -16.71 -11.76
CA PHE A 95 -1.67 -16.07 -11.21
C PHE A 95 -1.68 -14.59 -11.54
N ILE A 96 -1.16 -13.76 -10.61
CA ILE A 96 -0.95 -12.33 -10.82
C ILE A 96 0.56 -12.19 -10.78
N ILE A 97 1.17 -11.63 -11.85
CA ILE A 97 2.62 -11.52 -11.99
C ILE A 97 3.00 -10.08 -11.73
N THR A 98 3.87 -9.84 -10.73
CA THR A 98 4.24 -8.48 -10.38
C THR A 98 5.74 -8.32 -10.27
N GLU A 99 6.15 -7.06 -10.06
CA GLU A 99 7.51 -6.68 -9.79
C GLU A 99 7.94 -7.41 -8.49
N TYR A 100 9.19 -7.88 -8.48
CA TYR A 100 9.78 -8.58 -7.36
C TYR A 100 10.42 -7.58 -6.38
N MET A 101 10.09 -7.71 -5.09
CA MET A 101 10.53 -6.82 -4.02
C MET A 101 11.23 -7.69 -2.99
N ALA A 102 12.56 -7.76 -3.07
CA ALA A 102 13.33 -8.72 -2.28
C ALA A 102 13.20 -8.59 -0.77
N ASN A 103 12.91 -7.37 -0.27
CA ASN A 103 12.90 -7.19 1.19
C ASN A 103 11.52 -7.27 1.83
N GLY A 104 10.51 -7.69 1.06
CA GLY A 104 9.22 -8.02 1.62
C GLY A 104 8.37 -6.84 2.04
N CYS A 105 7.48 -7.09 2.97
CA CYS A 105 6.51 -6.15 3.49
CA CYS A 105 6.54 -6.05 3.38
C CYS A 105 7.14 -5.01 4.29
N LEU A 106 6.73 -3.77 4.06
CA LEU A 106 7.22 -2.63 4.83
C LEU A 106 6.96 -2.83 6.35
N LEU A 107 5.83 -3.40 6.70
CA LEU A 107 5.50 -3.57 8.12
C LEU A 107 6.52 -4.42 8.85
N ASN A 108 6.87 -5.58 8.25
CA ASN A 108 7.88 -6.46 8.87
C ASN A 108 9.24 -5.80 8.87
N TYR A 109 9.56 -5.04 7.81
CA TYR A 109 10.84 -4.33 7.67
C TYR A 109 11.03 -3.29 8.79
N LEU A 110 9.96 -2.51 9.09
CA LEU A 110 9.99 -1.50 10.15
C LEU A 110 10.19 -2.15 11.52
N ARG A 111 9.62 -3.35 11.69
CA ARG A 111 9.66 -4.08 12.97
C ARG A 111 10.99 -4.74 13.28
N GLU A 112 11.88 -4.87 12.26
N GLU A 112 11.87 -4.91 12.27
CA GLU A 112 13.22 -5.45 12.40
CA GLU A 112 13.17 -5.52 12.53
C GLU A 112 14.11 -4.37 13.03
C GLU A 112 14.11 -4.43 13.04
N MET A 113 14.30 -4.42 14.37
CA MET A 113 15.10 -3.40 15.08
C MET A 113 16.57 -3.33 14.65
N ARG A 114 17.10 -4.43 14.05
CA ARG A 114 18.49 -4.44 13.56
C ARG A 114 18.78 -3.32 12.58
N HIS A 115 17.78 -2.90 11.75
CA HIS A 115 18.07 -1.84 10.78
C HIS A 115 18.54 -0.53 11.42
N ARG A 116 18.17 -0.26 12.69
CA ARG A 116 18.66 0.95 13.40
C ARG A 116 18.48 2.18 12.50
N PHE A 117 17.24 2.36 11.97
CA PHE A 117 16.99 3.43 11.03
C PHE A 117 17.26 4.80 11.58
N GLN A 118 17.77 5.69 10.72
CA GLN A 118 17.90 7.10 11.01
C GLN A 118 16.53 7.70 10.64
N THR A 119 16.16 8.86 11.23
CA THR A 119 14.87 9.48 10.83
C THR A 119 14.88 9.93 9.36
N GLN A 120 16.08 10.22 8.78
CA GLN A 120 16.14 10.59 7.36
C GLN A 120 15.68 9.38 6.50
N GLN A 121 15.99 8.14 6.94
CA GLN A 121 15.57 6.95 6.18
C GLN A 121 14.02 6.82 6.29
N LEU A 122 13.47 7.07 7.50
CA LEU A 122 12.01 6.99 7.71
C LEU A 122 11.29 8.03 6.81
N LEU A 123 11.84 9.26 6.73
CA LEU A 123 11.24 10.30 5.90
C LEU A 123 11.29 9.91 4.41
N GLU A 124 12.40 9.28 3.99
CA GLU A 124 12.54 8.81 2.60
C GLU A 124 11.46 7.75 2.27
N MET A 125 11.12 6.84 3.22
CA MET A 125 10.05 5.83 3.03
C MET A 125 8.71 6.56 2.83
N CYS A 126 8.45 7.60 3.64
CA CYS A 126 7.24 8.44 3.52
C CYS A 126 7.20 9.09 2.13
N LYS A 127 8.35 9.64 1.67
CA LYS A 127 8.43 10.29 0.36
C LYS A 127 8.21 9.27 -0.74
N ASP A 128 8.78 8.05 -0.61
CA ASP A 128 8.53 7.02 -1.63
C ASP A 128 7.01 6.78 -1.81
N VAL A 129 6.32 6.52 -0.69
CA VAL A 129 4.87 6.27 -0.73
C VAL A 129 4.13 7.51 -1.25
N CYS A 130 4.52 8.70 -0.78
CA CYS A 130 3.84 9.93 -1.18
C CYS A 130 3.94 10.15 -2.71
N GLU A 131 5.11 9.83 -3.32
CA GLU A 131 5.27 10.01 -4.76
C GLU A 131 4.36 9.05 -5.51
N ALA A 132 4.26 7.79 -5.04
CA ALA A 132 3.34 6.82 -5.66
C ALA A 132 1.90 7.34 -5.56
N MET A 133 1.52 7.84 -4.37
CA MET A 133 0.15 8.33 -4.13
C MET A 133 -0.16 9.58 -4.93
N GLU A 134 0.82 10.49 -5.07
CA GLU A 134 0.65 11.70 -5.87
CA GLU A 134 0.62 11.69 -5.88
C GLU A 134 0.33 11.25 -7.31
N TYR A 135 1.07 10.22 -7.81
CA TYR A 135 0.86 9.66 -9.15
C TYR A 135 -0.56 9.11 -9.27
N LEU A 136 -0.98 8.25 -8.32
CA LEU A 136 -2.35 7.71 -8.36
C LEU A 136 -3.37 8.82 -8.33
N GLU A 137 -3.15 9.87 -7.49
CA GLU A 137 -4.08 10.98 -7.41
CA GLU A 137 -4.05 11.02 -7.37
C GLU A 137 -4.17 11.71 -8.76
N SER A 138 -3.02 11.88 -9.46
CA SER A 138 -3.00 12.54 -10.77
C SER A 138 -3.80 11.75 -11.81
N LYS A 139 -3.98 10.41 -11.58
CA LYS A 139 -4.73 9.52 -12.47
C LYS A 139 -6.15 9.24 -11.93
N GLN A 140 -6.55 9.92 -10.83
CA GLN A 140 -7.87 9.81 -10.15
C GLN A 140 -8.14 8.34 -9.74
N PHE A 141 -7.06 7.66 -9.35
CA PHE A 141 -7.11 6.26 -8.95
C PHE A 141 -6.91 6.16 -7.45
N LEU A 142 -7.91 5.64 -6.76
CA LEU A 142 -7.81 5.47 -5.32
C LEU A 142 -7.11 4.19 -4.98
N HIS A 143 -6.34 4.23 -3.89
CA HIS A 143 -5.74 2.99 -3.43
C HIS A 143 -6.84 2.16 -2.69
N ARG A 144 -7.57 2.80 -1.74
CA ARG A 144 -8.65 2.24 -0.93
C ARG A 144 -8.24 1.34 0.26
N ASP A 145 -6.95 0.97 0.37
CA ASP A 145 -6.47 0.18 1.50
C ASP A 145 -4.99 0.50 1.78
N LEU A 146 -4.64 1.78 1.78
CA LEU A 146 -3.26 2.15 2.03
C LEU A 146 -2.88 1.92 3.50
N ALA A 147 -1.75 1.24 3.71
CA ALA A 147 -1.24 0.88 5.05
C ALA A 147 0.15 0.29 4.84
N ALA A 148 0.98 0.26 5.90
CA ALA A 148 2.31 -0.34 5.75
C ALA A 148 2.31 -1.79 5.25
N ARG A 149 1.30 -2.59 5.65
CA ARG A 149 1.19 -3.99 5.24
C ARG A 149 1.02 -4.12 3.70
N ASN A 150 0.57 -3.02 3.03
CA ASN A 150 0.35 -2.98 1.59
C ASN A 150 1.47 -2.28 0.84
N CYS A 151 2.62 -2.07 1.52
CA CYS A 151 3.81 -1.52 0.87
C CYS A 151 4.86 -2.60 0.92
N LEU A 152 5.72 -2.61 -0.09
CA LEU A 152 6.84 -3.56 -0.20
C LEU A 152 8.17 -2.83 -0.31
N VAL A 153 9.26 -3.54 -0.05
CA VAL A 153 10.58 -2.93 -0.02
C VAL A 153 11.51 -3.74 -0.95
N ASN A 154 12.23 -3.04 -1.85
CA ASN A 154 13.11 -3.76 -2.79
C ASN A 154 14.49 -3.95 -2.20
N ASP A 155 15.41 -4.56 -2.98
CA ASP A 155 16.77 -4.86 -2.53
C ASP A 155 17.61 -3.62 -2.25
N GLN A 156 17.17 -2.44 -2.74
CA GLN A 156 17.84 -1.15 -2.50
C GLN A 156 17.22 -0.37 -1.29
N GLY A 157 16.19 -0.94 -0.65
CA GLY A 157 15.51 -0.29 0.46
C GLY A 157 14.48 0.75 -0.01
N VAL A 158 14.13 0.71 -1.31
CA VAL A 158 13.10 1.63 -1.86
C VAL A 158 11.75 1.05 -1.46
N VAL A 159 10.84 1.92 -0.95
CA VAL A 159 9.47 1.47 -0.59
C VAL A 159 8.54 1.74 -1.78
N LYS A 160 7.68 0.76 -2.15
CA LYS A 160 6.71 0.93 -3.22
C LYS A 160 5.33 0.51 -2.75
N VAL A 161 4.30 1.20 -3.25
CA VAL A 161 2.92 0.92 -2.92
C VAL A 161 2.41 -0.24 -3.75
N SER A 162 1.83 -1.25 -3.11
CA SER A 162 1.30 -2.39 -3.87
C SER A 162 -0.22 -2.56 -3.72
N ASP A 163 -0.80 -3.38 -4.63
CA ASP A 163 -2.20 -3.78 -4.59
C ASP A 163 -3.18 -2.62 -4.54
N PHE A 164 -2.84 -1.57 -5.29
CA PHE A 164 -3.68 -0.36 -5.41
C PHE A 164 -5.04 -0.76 -6.01
N GLY A 165 -6.10 -0.46 -5.26
CA GLY A 165 -7.47 -0.73 -5.67
C GLY A 165 -7.94 -2.17 -5.59
N LEU A 166 -7.03 -3.10 -5.17
CA LEU A 166 -7.36 -4.53 -5.15
C LEU A 166 -8.49 -4.91 -4.19
N SER A 167 -8.74 -4.09 -3.13
CA SER A 167 -9.79 -4.38 -2.14
C SER A 167 -11.18 -4.50 -2.78
N ARG A 168 -11.36 -3.88 -3.95
CA ARG A 168 -12.65 -3.90 -4.67
C ARG A 168 -13.02 -5.31 -5.17
N TYR A 169 -12.05 -6.23 -5.21
CA TYR A 169 -12.23 -7.58 -5.76
C TYR A 169 -12.13 -8.68 -4.74
N VAL A 170 -12.07 -8.31 -3.45
CA VAL A 170 -12.01 -9.27 -2.36
C VAL A 170 -13.41 -9.77 -2.06
N LEU A 171 -13.61 -11.11 -2.11
CA LEU A 171 -14.93 -11.70 -1.88
C LEU A 171 -15.26 -11.96 -0.42
N ASP A 172 -14.25 -12.07 0.46
CA ASP A 172 -14.48 -12.31 1.89
C ASP A 172 -15.14 -11.07 2.50
N ASP A 173 -16.43 -11.19 2.89
CA ASP A 173 -17.24 -10.12 3.49
C ASP A 173 -16.64 -9.54 4.79
N GLU A 174 -15.70 -10.26 5.44
CA GLU A 174 -15.03 -9.79 6.66
C GLU A 174 -14.13 -8.59 6.34
N TYR A 175 -13.57 -8.53 5.09
CA TYR A 175 -12.70 -7.45 4.62
C TYR A 175 -13.49 -6.21 4.18
N LYS A 182 -11.91 -7.91 9.28
CA LYS A 182 -10.67 -7.52 8.60
C LYS A 182 -10.76 -6.17 7.88
N PHE A 183 -11.83 -5.37 8.14
CA PHE A 183 -11.96 -4.03 7.56
C PHE A 183 -10.88 -3.13 8.18
N PRO A 184 -10.18 -2.26 7.39
CA PRO A 184 -9.09 -1.45 7.97
C PRO A 184 -9.59 -0.25 8.78
N VAL A 185 -10.30 -0.52 9.89
CA VAL A 185 -10.85 0.52 10.76
C VAL A 185 -9.77 1.54 11.16
N ARG A 186 -8.56 1.06 11.55
CA ARG A 186 -7.53 1.94 12.08
C ARG A 186 -6.87 2.84 11.06
N TRP A 187 -7.20 2.64 9.76
CA TRP A 187 -6.66 3.48 8.69
C TRP A 187 -7.78 4.29 8.02
N SER A 188 -8.97 4.35 8.66
CA SER A 188 -10.12 4.96 8.04
C SER A 188 -10.59 6.28 8.68
N PRO A 189 -10.96 7.27 7.85
CA PRO A 189 -11.46 8.55 8.41
C PRO A 189 -12.89 8.45 8.94
N PRO A 190 -13.36 9.44 9.75
CA PRO A 190 -14.74 9.35 10.27
C PRO A 190 -15.83 9.11 9.21
N GLU A 191 -15.72 9.77 8.02
CA GLU A 191 -16.76 9.64 6.99
C GLU A 191 -16.81 8.21 6.40
N VAL A 192 -15.68 7.48 6.44
CA VAL A 192 -15.69 6.08 5.97
C VAL A 192 -16.36 5.25 7.05
N LEU A 193 -15.94 5.40 8.30
CA LEU A 193 -16.56 4.64 9.39
C LEU A 193 -18.04 4.89 9.58
N MET A 194 -18.47 6.14 9.42
CA MET A 194 -19.86 6.54 9.65
C MET A 194 -20.74 6.29 8.43
N TYR A 195 -20.24 6.63 7.22
CA TYR A 195 -21.09 6.59 6.03
C TYR A 195 -20.53 5.84 4.80
N SER A 196 -19.35 5.20 4.89
CA SER A 196 -18.74 4.51 3.73
C SER A 196 -18.42 5.53 2.60
N LYS A 197 -18.03 6.75 2.96
CA LYS A 197 -17.66 7.76 1.96
C LYS A 197 -16.17 7.68 1.62
N PHE A 198 -15.83 6.92 0.59
CA PHE A 198 -14.45 6.77 0.11
C PHE A 198 -14.15 7.90 -0.87
N SER A 199 -12.95 8.49 -0.79
CA SER A 199 -12.56 9.56 -1.70
C SER A 199 -11.04 9.70 -1.69
N SER A 200 -10.51 10.67 -2.44
CA SER A 200 -9.08 10.94 -2.38
C SER A 200 -8.71 11.24 -0.93
N LYS A 201 -9.63 11.90 -0.20
CA LYS A 201 -9.40 12.31 1.19
C LYS A 201 -9.37 11.13 2.19
N SER A 202 -9.96 9.95 1.85
CA SER A 202 -9.82 8.78 2.72
C SER A 202 -8.44 8.14 2.50
N ASP A 203 -7.91 8.23 1.26
CA ASP A 203 -6.52 7.79 1.02
C ASP A 203 -5.54 8.74 1.75
N ILE A 204 -5.86 10.07 1.78
CA ILE A 204 -5.02 11.04 2.53
C ILE A 204 -4.95 10.67 4.02
N TRP A 205 -6.11 10.41 4.62
CA TRP A 205 -6.16 10.00 6.03
C TRP A 205 -5.28 8.74 6.24
N ALA A 206 -5.50 7.71 5.41
CA ALA A 206 -4.74 6.44 5.47
C ALA A 206 -3.22 6.72 5.38
N PHE A 207 -2.82 7.65 4.49
CA PHE A 207 -1.41 8.02 4.32
C PHE A 207 -0.83 8.58 5.65
N GLY A 208 -1.60 9.44 6.33
CA GLY A 208 -1.16 9.99 7.62
C GLY A 208 -0.93 8.88 8.62
N VAL A 209 -1.87 7.87 8.65
CA VAL A 209 -1.70 6.71 9.56
C VAL A 209 -0.43 5.93 9.17
N LEU A 210 -0.16 5.80 7.85
N LEU A 210 -0.16 5.79 7.86
CA LEU A 210 1.03 5.11 7.35
CA LEU A 210 1.04 5.11 7.36
C LEU A 210 2.31 5.84 7.82
C LEU A 210 2.32 5.84 7.83
N MET A 211 2.31 7.18 7.77
CA MET A 211 3.46 7.96 8.27
C MET A 211 3.67 7.65 9.75
N TRP A 212 2.55 7.56 10.50
CA TRP A 212 2.62 7.21 11.91
C TRP A 212 3.21 5.78 12.08
N GLU A 213 2.79 4.82 11.24
CA GLU A 213 3.31 3.43 11.31
C GLU A 213 4.82 3.46 11.10
N ILE A 214 5.29 4.22 10.08
CA ILE A 214 6.71 4.34 9.78
C ILE A 214 7.50 4.94 10.96
N TYR A 215 7.05 6.11 11.47
CA TYR A 215 7.79 6.74 12.59
C TYR A 215 7.65 5.99 13.91
N SER A 216 6.68 5.07 14.01
CA SER A 216 6.51 4.26 15.22
C SER A 216 7.20 2.89 15.04
N LEU A 217 7.99 2.71 13.95
CA LEU A 217 8.69 1.46 13.69
C LEU A 217 7.70 0.24 13.67
N GLY A 218 6.55 0.43 13.02
CA GLY A 218 5.60 -0.65 12.81
C GLY A 218 4.65 -1.00 13.94
N LYS A 219 4.48 -0.12 14.94
CA LYS A 219 3.47 -0.35 15.97
C LYS A 219 2.08 -0.36 15.30
N MET A 220 1.14 -1.06 15.94
CA MET A 220 -0.23 -1.06 15.45
CA MET A 220 -0.25 -1.09 15.49
C MET A 220 -0.85 0.28 15.85
N PRO A 221 -1.48 1.03 14.91
CA PRO A 221 -2.13 2.30 15.31
C PRO A 221 -3.20 2.03 16.40
N TYR A 222 -3.28 2.87 17.46
CA TYR A 222 -4.28 2.71 18.55
C TYR A 222 -4.07 1.29 19.18
N GLU A 223 -2.79 0.92 19.39
CA GLU A 223 -2.44 -0.44 19.83
C GLU A 223 -3.15 -0.94 21.08
N ARG A 224 -3.63 -0.04 21.96
CA ARG A 224 -4.31 -0.47 23.20
C ARG A 224 -5.82 -0.60 23.06
N PHE A 225 -6.35 -0.20 21.88
CA PHE A 225 -7.77 -0.21 21.61
C PHE A 225 -8.16 -1.31 20.66
N THR A 226 -9.44 -1.71 20.71
CA THR A 226 -10.05 -2.63 19.74
C THR A 226 -10.45 -1.72 18.54
N ASN A 227 -10.93 -2.31 17.44
CA ASN A 227 -11.43 -1.53 16.31
C ASN A 227 -12.67 -0.70 16.74
N SER A 228 -13.59 -1.29 17.52
CA SER A 228 -14.77 -0.56 18.00
C SER A 228 -14.37 0.67 18.80
N GLU A 229 -13.37 0.52 19.70
CA GLU A 229 -12.90 1.64 20.52
C GLU A 229 -12.21 2.70 19.65
N THR A 230 -11.47 2.25 18.62
CA THR A 230 -10.80 3.15 17.67
C THR A 230 -11.85 4.01 16.97
N ALA A 231 -12.91 3.36 16.46
CA ALA A 231 -14.00 4.06 15.78
C ALA A 231 -14.65 5.14 16.67
N GLU A 232 -14.94 4.80 17.93
CA GLU A 232 -15.49 5.74 18.89
C GLU A 232 -14.52 6.91 19.21
N HIS A 233 -13.22 6.61 19.41
CA HIS A 233 -12.17 7.60 19.67
C HIS A 233 -12.12 8.64 18.52
N ILE A 234 -12.05 8.14 17.27
CA ILE A 234 -12.00 8.95 16.05
C ILE A 234 -13.27 9.83 15.94
N ALA A 235 -14.42 9.21 16.20
CA ALA A 235 -15.71 9.90 16.12
C ALA A 235 -15.83 11.07 17.11
N GLN A 236 -15.13 10.97 18.25
CA GLN A 236 -15.07 12.00 19.29
C GLN A 236 -14.04 13.10 18.94
N GLY A 237 -13.39 12.99 17.79
CA GLY A 237 -12.41 13.97 17.30
C GLY A 237 -11.02 13.80 17.86
N LEU A 238 -10.77 12.68 18.52
CA LEU A 238 -9.47 12.33 19.11
C LEU A 238 -8.62 11.60 18.08
N ARG A 239 -7.29 11.66 18.26
CA ARG A 239 -6.38 11.16 17.24
C ARG A 239 -5.21 10.38 17.82
N LEU A 240 -4.40 9.81 16.91
CA LEU A 240 -3.11 9.26 17.28
C LEU A 240 -2.27 10.45 17.72
N TYR A 241 -1.19 10.19 18.45
CA TYR A 241 -0.32 11.29 18.83
C TYR A 241 1.10 11.03 18.37
N ARG A 242 1.98 11.99 18.61
CA ARG A 242 3.31 12.02 18.05
C ARG A 242 4.23 10.85 18.39
N PRO A 243 4.68 10.06 17.38
CA PRO A 243 5.69 9.03 17.67
C PRO A 243 6.97 9.71 18.13
N HIS A 244 7.72 9.05 19.01
CA HIS A 244 8.94 9.61 19.57
C HIS A 244 9.96 10.05 18.50
N LEU A 245 9.99 9.32 17.37
CA LEU A 245 10.97 9.59 16.30
C LEU A 245 10.57 10.70 15.36
N ALA A 246 9.32 11.18 15.45
CA ALA A 246 8.87 12.26 14.57
C ALA A 246 9.22 13.61 15.12
N SER A 247 9.83 14.47 14.28
CA SER A 247 10.05 15.86 14.65
C SER A 247 8.69 16.59 14.68
N GLU A 248 8.69 17.82 15.20
CA GLU A 248 7.47 18.63 15.24
C GLU A 248 6.92 18.82 13.81
N LYS A 249 7.82 19.06 12.81
CA LYS A 249 7.38 19.30 11.42
C LYS A 249 6.81 18.03 10.78
N VAL A 250 7.45 16.89 11.04
CA VAL A 250 6.92 15.61 10.55
C VAL A 250 5.53 15.36 11.17
N TYR A 251 5.39 15.55 12.49
CA TYR A 251 4.10 15.32 13.14
C TYR A 251 3.01 16.25 12.56
N THR A 252 3.37 17.51 12.28
CA THR A 252 2.41 18.46 11.67
C THR A 252 1.90 17.93 10.33
N ILE A 253 2.80 17.32 9.54
CA ILE A 253 2.39 16.75 8.24
C ILE A 253 1.44 15.57 8.44
N MET A 254 1.80 14.57 9.33
CA MET A 254 0.89 13.43 9.46
C MET A 254 -0.47 13.87 10.04
N TYR A 255 -0.44 14.80 11.02
CA TYR A 255 -1.65 15.30 11.70
C TYR A 255 -2.56 16.06 10.74
N SER A 256 -1.98 16.72 9.73
CA SER A 256 -2.78 17.45 8.74
C SER A 256 -3.66 16.49 7.92
N CYS A 257 -3.29 15.18 7.85
CA CYS A 257 -4.08 14.17 7.11
C CYS A 257 -5.38 13.80 7.87
N TRP A 258 -5.49 14.20 9.15
CA TRP A 258 -6.56 13.76 10.01
C TRP A 258 -7.61 14.80 10.35
N HIS A 259 -7.72 15.89 9.55
CA HIS A 259 -8.75 16.87 9.83
CA HIS A 259 -8.75 16.90 9.79
C HIS A 259 -10.11 16.19 9.77
N GLU A 260 -11.00 16.56 10.70
CA GLU A 260 -12.35 15.96 10.73
C GLU A 260 -13.05 16.19 9.38
N LYS A 261 -12.88 17.40 8.80
CA LYS A 261 -13.47 17.79 7.52
C LYS A 261 -12.58 17.31 6.36
N ALA A 262 -13.07 16.35 5.56
CA ALA A 262 -12.30 15.81 4.45
C ALA A 262 -11.73 16.90 3.53
N ASP A 263 -12.51 17.98 3.25
CA ASP A 263 -12.08 19.08 2.37
CA ASP A 263 -12.08 19.08 2.38
C ASP A 263 -10.92 19.91 2.92
N GLU A 264 -10.65 19.81 4.23
CA GLU A 264 -9.55 20.55 4.87
C GLU A 264 -8.25 19.74 4.89
N ARG A 265 -8.31 18.47 4.45
CA ARG A 265 -7.13 17.62 4.37
C ARG A 265 -6.35 18.02 3.09
N PRO A 266 -5.01 17.96 3.13
CA PRO A 266 -4.23 18.31 1.92
C PRO A 266 -4.40 17.27 0.78
N THR A 267 -3.81 17.57 -0.37
CA THR A 267 -3.69 16.66 -1.49
C THR A 267 -2.31 15.99 -1.35
N PHE A 268 -2.05 14.93 -2.14
CA PHE A 268 -0.75 14.27 -2.12
C PHE A 268 0.34 15.19 -2.68
N LYS A 269 -0.03 16.08 -3.64
CA LYS A 269 0.91 17.06 -4.19
C LYS A 269 1.41 17.98 -3.05
N ILE A 270 0.49 18.50 -2.23
CA ILE A 270 0.84 19.34 -1.08
C ILE A 270 1.67 18.55 -0.06
N LEU A 271 1.25 17.31 0.29
CA LEU A 271 2.04 16.52 1.24
C LEU A 271 3.46 16.29 0.69
N LEU A 272 3.58 15.99 -0.62
CA LEU A 272 4.92 15.81 -1.19
C LEU A 272 5.78 17.06 -1.00
N SER A 273 5.22 18.25 -1.31
CA SER A 273 5.92 19.53 -1.15
C SER A 273 6.35 19.69 0.31
N ASN A 274 5.46 19.31 1.26
CA ASN A 274 5.78 19.41 2.70
C ASN A 274 6.93 18.51 3.12
N ILE A 275 6.90 17.26 2.64
CA ILE A 275 7.92 16.27 2.93
C ILE A 275 9.26 16.69 2.34
N LEU A 276 9.27 17.23 1.09
CA LEU A 276 10.51 17.67 0.50
C LEU A 276 11.11 18.83 1.30
N ASP A 277 10.26 19.74 1.80
CA ASP A 277 10.69 20.86 2.63
C ASP A 277 11.36 20.37 3.92
N VAL A 278 10.77 19.35 4.58
CA VAL A 278 11.33 18.81 5.83
C VAL A 278 12.64 18.05 5.54
N MET A 279 12.72 17.33 4.38
CA MET A 279 13.96 16.65 4.02
C MET A 279 15.09 17.70 3.91
N ASP A 280 14.80 18.87 3.32
CA ASP A 280 15.80 19.95 3.15
C ASP A 280 16.24 20.56 4.47
N GLU A 281 15.26 20.88 5.34
CA GLU A 281 15.46 21.53 6.64
C GLU A 281 16.14 20.61 7.65
N GLU A 282 15.73 19.34 7.66
CA GLU A 282 16.20 18.34 8.60
C GLU A 282 17.09 17.30 7.91
N SER A 283 17.98 17.78 7.02
CA SER A 283 18.96 16.94 6.31
C SER A 283 20.16 16.65 7.19
C13 4US B . 7.93 -11.86 1.47
C13 4US B . 7.80 -11.64 1.72
C18 4US B . 13.81 -12.05 4.59
C18 4US B . 13.75 -11.93 4.73
C17 4US B . 11.81 -10.75 4.83
C17 4US B . 11.76 -10.62 4.99
C16 4US B . 11.91 -10.50 3.33
C16 4US B . 11.82 -10.43 3.47
C15 4US B . 4.62 -11.59 0.70
C15 4US B . 4.43 -11.02 1.09
C19 4US B . 13.67 -12.21 3.07
C19 4US B . 13.56 -12.14 3.24
C20 4US B . 12.66 -11.83 6.87
C21 4US B . 3.94 -12.81 0.59
C21 4US B . 3.80 -10.06 1.89
C22 4US B . 3.24 -13.34 1.66
C22 4US B . 3.13 -10.43 3.06
C23 4US B . 3.23 -12.69 2.88
C23 4US B . 3.10 -11.75 3.45
C24 4US B . 3.93 -11.50 3.03
C24 4US B . 3.72 -12.72 2.67
C11 4US B . 10.34 -11.86 1.18
C11 4US B . 10.19 -11.83 1.34
C12 4US B . 9.21 -12.16 1.93
C12 4US B . 9.08 -12.01 2.15
C1 4US B . 7.22 -10.31 -1.80
C1 4US B . 7.05 -10.20 -1.62
C2 4US B . 6.67 -10.88 -0.62
C2 4US B . 6.51 -10.64 -0.38
C3 4US B . 5.27 -11.00 -0.50
C3 4US B . 5.11 -10.60 -0.18
C4 4US B . 4.46 -10.54 -1.55
C4 4US B . 4.30 -10.12 -1.22
C5 4US B . 5.02 -9.95 -2.69
C5 4US B . 4.86 -9.68 -2.42
C6 4US B . 6.41 -9.81 -2.82
C6 4US B . 6.24 -9.70 -2.64
C7 4US B . 7.05 -9.29 -4.08
C7 4US B . 6.86 -9.25 -3.95
O1 4US B . 8.25 -9.58 -4.33
O1 4US B . 8.07 -9.47 -4.16
N1 4US B . 6.31 -8.66 -4.98
N1 4US B . 6.11 -8.69 -4.88
N2 4US B . 8.60 -10.27 -1.68
N2 4US B . 8.43 -10.34 -1.58
C8 4US B . 8.95 -10.83 -0.47
C8 4US B . 8.80 -10.87 -0.35
C9 4US B . 7.79 -11.22 0.23
C9 4US B . 7.64 -11.08 0.44
C10 4US B . 10.22 -11.12 0.01
C10 4US B . 10.07 -11.22 0.10
C14 4US B . 11.70 -12.32 1.60
C14 4US B . 11.55 -12.31 1.79
O2 4US B . 12.17 -13.31 1.05
O2 4US B . 12.01 -13.31 1.26
N3 4US B . 12.36 -11.70 2.60
N3 4US B . 12.23 -11.66 2.77
N4 4US B . 12.47 -11.83 5.41
C25 4US B . 4.61 -10.97 1.95
C25 4US B . 4.37 -12.35 1.50
CL1 4US B . 5.47 -9.49 2.18
CL1 4US B . 5.03 -13.60 0.52
H8 4US B . 7.06 -12.13 2.06
H8 4US B . 6.94 -11.78 2.36
H14 4US B . 14.34 -12.93 4.96
H14 4US B . 14.30 -12.77 5.14
H13 4US B . 14.47 -11.22 4.84
H13 4US B . 14.39 -11.06 4.92
H12 4US B . 10.76 -10.84 5.11
H12 4US B . 10.73 -10.68 5.31
H11 4US B . 12.16 -9.85 5.36
H11 4US B . 12.14 -9.71 5.47
H10 4US B . 10.95 -10.16 2.96
H10 4US B . 10.85 -10.09 3.12
H9 4US B . 12.58 -9.66 3.15
H9 4US B . 12.49 -9.60 3.25
H16 4US B . 13.80 -13.26 2.81
H16 4US B . 13.67 -13.20 3.01
H15 4US B . 14.49 -11.69 2.57
H15 4US B . 14.37 -11.67 2.68
H18 4US B . 11.69 -12.01 7.17
H18 4US B . 11.69 -11.87 7.37
H17 4US B . 13.15 -12.92 7.01
H17 4US B . 13.20 -12.71 7.19
H19 4US B . 13.23 -11.18 7.13
H19 4US B . 13.18 -10.97 7.28
H20 4US B . 4.04 -13.38 -0.34
H20 4US B . 3.84 -9.01 1.59
H21 4US B . 2.67 -14.24 1.51
H21 4US B . 2.63 -9.68 3.66
H22 4US B . 2.68 -13.11 3.72
H22 4US B . 2.58 -12.04 4.36
H23 4US B . 3.95 -10.99 4.00
H23 4US B . 3.71 -13.77 2.97
H7 4US B . 9.32 -12.64 2.91
H7 4US B . 9.19 -12.45 3.14
H1 4US B . 3.38 -10.64 -1.47
H1 4US B . 3.22 -10.10 -1.08
H2 4US B . 4.32 -9.65 -3.45
H2 4US B . 4.14 -9.33 -3.16
H3 4US B . 5.32 -8.46 -4.90
H3 4US B . 5.11 -8.52 -4.81
H4 4US B . 6.74 -8.32 -5.83
H4 4US B . 6.52 -8.39 -5.77
H5 4US B . 9.24 -9.91 -2.36
H5 4US B . 9.07 -10.11 -2.32
H6 4US B . 11.10 -10.78 -0.54
H6 4US B . 10.94 -11.01 -0.51
S DMS C . 10.78 -24.73 -11.70
O DMS C . 10.15 -23.73 -12.60
C1 DMS C . 10.87 -26.22 -12.66
C2 DMS C . 12.49 -24.39 -11.73
C1 EDO D . 0.18 -4.28 -8.52
O1 EDO D . 0.90 -4.14 -7.30
C2 EDO D . -0.58 -5.62 -8.51
O2 EDO D . -1.50 -5.58 -7.44
C1 EDO E . -4.54 3.69 22.25
O1 EDO E . -3.40 2.91 21.93
C2 EDO E . -4.16 5.20 22.14
O2 EDO E . -3.94 5.57 20.78
#